data_6RHC
#
_entry.id   6RHC
#
_cell.length_a   82.025
_cell.length_b   112.307
_cell.length_c   62.697
_cell.angle_alpha   90.00
_cell.angle_beta   90.00
_cell.angle_gamma   90.00
#
_symmetry.space_group_name_H-M   'C 2 2 21'
#
loop_
_entity.id
_entity.type
_entity.pdbx_description
1 polymer '14-3-3 protein sigma'
2 polymer 'WW domain-containing transcription regulator protein 1'
3 non-polymer 'MAGNESIUM ION'
4 non-polymer 'CHLORIDE ION'
5 non-polymer 5-azanyl-4-phenyl-thiophene-2-carboximidamide
6 water water
#
loop_
_entity_poly.entity_id
_entity_poly.type
_entity_poly.pdbx_seq_one_letter_code
_entity_poly.pdbx_strand_id
1 'polypeptide(L)'
;GAMGSMERASLIQKAKLAEQAERYEDMAAFMKGAVEKGEELSCEERNLLSVAYKNVVGGQRAAWRVLSSIEQKSNEEGSE
EKGPEVREYREKVETELQGVCDTVLGLLDSHLIKEAGDAESRVFYLKMKGDYYRYLAEVATGDDKKRIIDSARSAYQEAM
DISKKEMPPTNPIRLGLALNFSVFHYEIANSPEEAISLAKTTFDEAMADLHTLSEDSYKDSTLIMQLLRDNLTLWT
;
A
2 'polypeptide(L)' RSH(SEP)SPASLQLGT P
#
loop_
_chem_comp.id
_chem_comp.type
_chem_comp.name
_chem_comp.formula
CL non-polymer 'CHLORIDE ION' 'Cl -1'
K48 non-polymer 5-azanyl-4-phenyl-thiophene-2-carboximidamide 'C11 H11 N3 S'
MG non-polymer 'MAGNESIUM ION' 'Mg 2'
#
# COMPACT_ATOMS: atom_id res chain seq x y z
N ALA A 2 16.95 -11.98 13.14
CA ALA A 2 18.08 -12.67 12.46
C ALA A 2 19.13 -11.64 11.98
N MET A 3 18.72 -10.37 11.80
CA MET A 3 19.53 -9.30 11.12
C MET A 3 20.23 -8.37 12.11
N GLY A 4 20.08 -8.57 13.42
CA GLY A 4 20.62 -7.67 14.43
C GLY A 4 22.12 -7.52 14.32
N SER A 5 22.85 -8.52 13.78
CA SER A 5 24.33 -8.43 13.74
C SER A 5 24.80 -7.76 12.47
N MET A 6 23.92 -7.46 11.50
CA MET A 6 24.37 -6.90 10.23
C MET A 6 24.29 -5.40 10.27
N GLU A 7 25.25 -4.71 9.74
CA GLU A 7 25.27 -3.25 9.63
C GLU A 7 24.00 -2.80 8.91
N ARG A 8 23.48 -1.63 9.30
CA ARG A 8 22.35 -0.99 8.59
C ARG A 8 22.68 -0.83 7.12
N ALA A 9 23.84 -0.28 6.76
CA ALA A 9 24.15 -0.02 5.36
C ALA A 9 24.24 -1.32 4.59
N SER A 10 24.73 -2.36 5.21
CA SER A 10 24.84 -3.69 4.56
C SER A 10 23.45 -4.28 4.32
N LEU A 11 22.54 -4.10 5.24
CA LEU A 11 21.12 -4.55 5.03
C LEU A 11 20.51 -3.80 3.86
N ILE A 12 20.72 -2.50 3.77
CA ILE A 12 20.17 -1.71 2.64
C ILE A 12 20.78 -2.19 1.33
N GLN A 13 22.10 -2.40 1.32
CA GLN A 13 22.75 -2.86 0.06
C GLN A 13 22.21 -4.25 -0.34
N LYS A 14 22.07 -5.12 0.61
CA LYS A 14 21.52 -6.48 0.34
C LYS A 14 20.07 -6.42 -0.09
N ALA A 15 19.29 -5.50 0.47
CA ALA A 15 17.91 -5.32 -0.02
C ALA A 15 17.92 -4.97 -1.49
N LYS A 16 18.82 -4.06 -1.92
CA LYS A 16 18.89 -3.69 -3.35
C LYS A 16 19.33 -4.89 -4.21
N LEU A 17 20.26 -5.67 -3.72
CA LEU A 17 20.70 -6.89 -4.46
C LEU A 17 19.55 -7.89 -4.56
N ALA A 18 18.82 -8.09 -3.46
CA ALA A 18 17.71 -9.05 -3.43
C ALA A 18 16.66 -8.58 -4.42
N GLU A 19 16.36 -7.27 -4.53
CA GLU A 19 15.44 -6.72 -5.51
C GLU A 19 15.90 -7.12 -6.92
N GLN A 20 17.16 -6.89 -7.23
CA GLN A 20 17.67 -7.22 -8.57
C GLN A 20 17.51 -8.73 -8.85
N ALA A 21 17.66 -9.57 -7.84
CA ALA A 21 17.57 -11.03 -7.97
C ALA A 21 16.10 -11.50 -7.89
N GLU A 22 15.15 -10.58 -7.70
CA GLU A 22 13.71 -10.92 -7.51
C GLU A 22 13.54 -11.88 -6.33
N ARG A 23 14.29 -11.66 -5.27
CA ARG A 23 14.26 -12.38 -4.00
C ARG A 23 13.53 -11.52 -2.99
N TYR A 24 12.21 -11.41 -3.13
CA TYR A 24 11.47 -10.40 -2.36
C TYR A 24 11.33 -10.76 -0.90
N GLU A 25 11.21 -12.06 -0.57
CA GLU A 25 11.21 -12.44 0.84
C GLU A 25 12.53 -12.02 1.52
N ASP A 26 13.66 -12.24 0.85
CA ASP A 26 14.99 -11.84 1.39
C ASP A 26 15.05 -10.31 1.48
N MET A 27 14.47 -9.63 0.49
CA MET A 27 14.44 -8.14 0.47
C MET A 27 13.65 -7.63 1.66
N ALA A 28 12.49 -8.20 1.94
CA ALA A 28 11.69 -7.79 3.08
C ALA A 28 12.38 -8.08 4.42
N ALA A 29 13.04 -9.21 4.56
CA ALA A 29 13.79 -9.49 5.81
C ALA A 29 14.93 -8.47 6.00
N PHE A 30 15.64 -8.11 4.93
CA PHE A 30 16.71 -7.10 5.03
C PHE A 30 16.13 -5.76 5.47
N MET A 31 15.01 -5.37 4.85
CA MET A 31 14.43 -4.07 5.18
C MET A 31 13.80 -4.05 6.57
N LYS A 32 13.21 -5.14 7.02
CA LYS A 32 12.78 -5.24 8.41
C LYS A 32 13.96 -5.06 9.35
N GLY A 33 15.07 -5.72 9.04
CA GLY A 33 16.28 -5.52 9.87
C GLY A 33 16.72 -4.09 9.84
N ALA A 34 16.69 -3.41 8.68
CA ALA A 34 17.07 -1.99 8.63
C ALA A 34 16.12 -1.18 9.52
N VAL A 35 14.83 -1.38 9.41
CA VAL A 35 13.90 -0.57 10.24
C VAL A 35 14.22 -0.81 11.70
N GLU A 36 14.52 -2.03 12.08
CA GLU A 36 14.74 -2.37 13.50
C GLU A 36 16.03 -1.78 14.02
N LYS A 37 16.87 -1.19 13.20
CA LYS A 37 18.02 -0.42 13.75
C LYS A 37 17.53 0.80 14.50
N GLY A 38 16.30 1.27 14.24
CA GLY A 38 15.67 2.32 15.04
C GLY A 38 15.81 3.69 14.44
N GLU A 39 16.60 3.86 13.40
CA GLU A 39 16.71 5.17 12.71
C GLU A 39 15.54 5.34 11.75
N GLU A 40 15.21 6.59 11.49
CA GLU A 40 14.25 6.93 10.43
C GLU A 40 14.73 6.43 9.06
N LEU A 41 13.82 6.23 8.11
CA LEU A 41 14.18 5.79 6.75
C LEU A 41 14.17 6.96 5.77
N SER A 42 15.14 7.00 4.90
CA SER A 42 15.17 7.96 3.79
C SER A 42 14.08 7.63 2.79
N CYS A 43 13.87 8.50 1.83
CA CYS A 43 12.94 8.24 0.73
C CYS A 43 13.25 6.92 0.04
N GLU A 44 14.47 6.73 -0.38
CA GLU A 44 14.87 5.51 -1.12
C GLU A 44 14.59 4.31 -0.22
N GLU A 45 14.93 4.39 1.07
CA GLU A 45 14.71 3.24 1.99
C GLU A 45 13.21 2.98 2.16
N ARG A 46 12.37 4.00 2.25
CA ARG A 46 10.92 3.76 2.36
C ARG A 46 10.44 3.05 1.10
N ASN A 47 10.95 3.39 -0.07
CA ASN A 47 10.61 2.72 -1.32
C ASN A 47 11.05 1.27 -1.24
N LEU A 48 12.25 0.98 -0.79
CA LEU A 48 12.68 -0.41 -0.68
C LEU A 48 11.78 -1.19 0.24
N LEU A 49 11.39 -0.65 1.37
CA LEU A 49 10.53 -1.37 2.33
C LEU A 49 9.20 -1.67 1.65
N SER A 50 8.61 -0.70 1.00
CA SER A 50 7.30 -0.86 0.34
C SER A 50 7.42 -1.87 -0.81
N VAL A 51 8.39 -1.79 -1.67
CA VAL A 51 8.58 -2.75 -2.77
C VAL A 51 8.68 -4.17 -2.19
N ALA A 52 9.47 -4.36 -1.17
CA ALA A 52 9.73 -5.70 -0.65
C ALA A 52 8.41 -6.29 -0.17
N TYR A 53 7.74 -5.62 0.73
CA TYR A 53 6.53 -6.18 1.37
C TYR A 53 5.40 -6.25 0.37
N LYS A 54 5.29 -5.33 -0.56
CA LYS A 54 4.20 -5.37 -1.54
C LYS A 54 4.34 -6.59 -2.42
N ASN A 55 5.55 -6.97 -2.78
CA ASN A 55 5.78 -8.16 -3.60
C ASN A 55 5.52 -9.40 -2.78
N VAL A 56 5.93 -9.47 -1.54
CA VAL A 56 5.65 -10.67 -0.71
C VAL A 56 4.12 -10.79 -0.57
N VAL A 57 3.44 -9.77 -0.08
CA VAL A 57 1.98 -9.92 0.16
C VAL A 57 1.31 -10.09 -1.18
N GLY A 58 1.81 -9.57 -2.28
CA GLY A 58 1.18 -9.74 -3.61
C GLY A 58 1.13 -11.21 -3.95
N GLY A 59 2.18 -11.98 -3.75
CA GLY A 59 2.17 -13.41 -4.06
C GLY A 59 1.17 -14.08 -3.15
N GLN A 60 1.08 -13.70 -1.89
CA GLN A 60 0.14 -14.34 -0.97
C GLN A 60 -1.29 -14.03 -1.39
N ARG A 61 -1.55 -12.77 -1.75
CA ARG A 61 -2.91 -12.31 -2.14
C ARG A 61 -3.38 -13.10 -3.37
N ALA A 62 -2.47 -13.28 -4.34
CA ALA A 62 -2.80 -14.02 -5.57
C ALA A 62 -3.06 -15.48 -5.23
N ALA A 63 -2.29 -16.08 -4.35
CA ALA A 63 -2.46 -17.51 -3.99
C ALA A 63 -3.77 -17.66 -3.26
N TRP A 64 -4.07 -16.76 -2.33
CA TRP A 64 -5.31 -16.81 -1.52
C TRP A 64 -6.50 -16.71 -2.47
N ARG A 65 -6.47 -15.86 -3.48
CA ARG A 65 -7.61 -15.70 -4.40
CA ARG A 65 -7.60 -15.69 -4.41
C ARG A 65 -7.82 -17.02 -5.15
N VAL A 66 -6.74 -17.65 -5.63
CA VAL A 66 -6.87 -18.95 -6.34
C VAL A 66 -7.47 -19.98 -5.41
N LEU A 67 -7.04 -20.09 -4.16
CA LEU A 67 -7.52 -21.10 -3.22
C LEU A 67 -8.94 -20.79 -2.82
N SER A 68 -9.28 -19.55 -2.55
CA SER A 68 -10.65 -19.19 -2.13
CA SER A 68 -10.66 -19.16 -2.18
C SER A 68 -11.63 -19.52 -3.27
N SER A 69 -11.25 -19.30 -4.50
CA SER A 69 -12.08 -19.62 -5.69
C SER A 69 -12.32 -21.13 -5.72
N ILE A 70 -11.29 -21.91 -5.52
CA ILE A 70 -11.42 -23.40 -5.56
C ILE A 70 -12.34 -23.80 -4.41
N GLU A 71 -12.22 -23.22 -3.24
CA GLU A 71 -12.95 -23.57 -2.01
C GLU A 71 -14.43 -23.24 -2.23
N GLN A 72 -14.70 -22.11 -2.87
CA GLN A 72 -16.10 -21.64 -3.13
C GLN A 72 -16.74 -22.62 -4.12
N LYS A 73 -16.00 -23.02 -5.17
CA LYS A 73 -16.45 -24.04 -6.17
C LYS A 73 -16.82 -25.34 -5.47
N SER A 74 -16.00 -25.81 -4.52
CA SER A 74 -16.33 -26.99 -3.68
C SER A 74 -17.47 -26.63 -2.73
N GLY A 83 -13.37 -33.17 1.18
CA GLY A 83 -12.52 -33.28 2.39
C GLY A 83 -12.02 -31.90 2.84
N PRO A 84 -11.33 -31.84 3.99
CA PRO A 84 -10.96 -30.57 4.60
C PRO A 84 -9.75 -29.88 3.91
N GLU A 85 -9.13 -30.45 2.90
CA GLU A 85 -7.76 -30.02 2.49
C GLU A 85 -7.79 -28.63 1.83
N VAL A 86 -8.78 -28.30 1.03
CA VAL A 86 -8.79 -26.96 0.35
C VAL A 86 -8.95 -25.90 1.43
N ARG A 87 -9.88 -26.05 2.37
CA ARG A 87 -10.08 -25.07 3.47
C ARG A 87 -8.81 -25.03 4.30
N GLU A 88 -8.18 -26.14 4.68
CA GLU A 88 -6.98 -26.12 5.53
C GLU A 88 -5.88 -25.34 4.81
N TYR A 89 -5.69 -25.60 3.54
CA TYR A 89 -4.57 -24.96 2.81
C TYR A 89 -4.90 -23.48 2.58
N ARG A 90 -6.17 -23.16 2.31
CA ARG A 90 -6.58 -21.73 2.16
C ARG A 90 -6.28 -21.01 3.49
N GLU A 91 -6.57 -21.68 4.61
CA GLU A 91 -6.35 -21.15 5.96
CA GLU A 91 -6.33 -21.14 5.96
C GLU A 91 -4.84 -20.99 6.21
N LYS A 92 -4.02 -21.92 5.73
CA LYS A 92 -2.55 -21.81 5.95
C LYS A 92 -2.05 -20.56 5.23
N VAL A 93 -2.40 -20.40 3.98
CA VAL A 93 -1.98 -19.21 3.19
C VAL A 93 -2.52 -17.95 3.83
N GLU A 94 -3.77 -17.96 4.23
CA GLU A 94 -4.39 -16.79 4.89
C GLU A 94 -3.64 -16.43 6.13
N THR A 95 -3.24 -17.38 6.96
CA THR A 95 -2.55 -17.10 8.22
C THR A 95 -1.18 -16.47 7.89
N GLU A 96 -0.49 -17.00 6.90
CA GLU A 96 0.84 -16.45 6.52
CA GLU A 96 0.84 -16.46 6.51
C GLU A 96 0.67 -15.01 6.01
N LEU A 97 -0.36 -14.78 5.21
CA LEU A 97 -0.67 -13.42 4.70
C LEU A 97 -0.95 -12.49 5.89
N GLN A 98 -1.77 -12.89 6.83
CA GLN A 98 -2.08 -12.08 8.01
C GLN A 98 -0.79 -11.84 8.76
N GLY A 99 0.11 -12.78 8.85
CA GLY A 99 1.36 -12.58 9.59
C GLY A 99 2.25 -11.54 8.92
N VAL A 100 2.31 -11.52 7.60
CA VAL A 100 3.07 -10.48 6.84
C VAL A 100 2.43 -9.13 7.13
N CYS A 101 1.11 -9.03 7.05
CA CYS A 101 0.45 -7.75 7.29
C CYS A 101 0.72 -7.28 8.71
N ASP A 102 0.61 -8.18 9.69
CA ASP A 102 0.88 -7.86 11.10
C ASP A 102 2.33 -7.40 11.28
N THR A 103 3.23 -8.00 10.55
CA THR A 103 4.66 -7.60 10.67
C THR A 103 4.78 -6.16 10.16
N VAL A 104 4.24 -5.84 9.01
CA VAL A 104 4.35 -4.47 8.47
C VAL A 104 3.68 -3.48 9.40
N LEU A 105 2.47 -3.78 9.85
CA LEU A 105 1.78 -2.90 10.77
C LEU A 105 2.59 -2.71 12.04
N GLY A 106 3.27 -3.74 12.49
CA GLY A 106 4.07 -3.63 13.71
C GLY A 106 5.28 -2.74 13.48
N LEU A 107 5.90 -2.77 12.34
CA LEU A 107 7.00 -1.86 12.02
C LEU A 107 6.49 -0.40 12.00
N LEU A 108 5.32 -0.19 11.39
CA LEU A 108 4.76 1.15 11.33
C LEU A 108 4.44 1.65 12.74
N ASP A 109 3.93 0.80 13.61
CA ASP A 109 3.58 1.19 14.98
C ASP A 109 4.79 1.25 15.90
N SER A 110 5.92 0.67 15.51
CA SER A 110 7.09 0.53 16.43
C SER A 110 8.34 0.70 15.59
N HIS A 111 8.70 1.93 15.18
CA HIS A 111 8.07 3.21 15.60
C HIS A 111 8.08 4.19 14.41
N LEU A 112 7.87 3.69 13.22
CA LEU A 112 8.04 4.54 12.02
C LEU A 112 7.05 5.69 12.02
N ILE A 113 5.78 5.44 12.26
CA ILE A 113 4.81 6.56 12.18
C ILE A 113 5.12 7.60 13.25
N LYS A 114 5.32 7.19 14.50
CA LYS A 114 5.39 8.25 15.55
C LYS A 114 6.60 9.12 15.29
N GLU A 115 7.63 8.62 14.61
CA GLU A 115 8.84 9.47 14.41
C GLU A 115 8.76 10.24 13.09
N ALA A 116 7.72 10.02 12.29
CA ALA A 116 7.59 10.67 10.96
C ALA A 116 6.85 12.01 11.05
N GLY A 117 7.59 13.10 10.93
CA GLY A 117 7.01 14.42 11.06
C GLY A 117 6.85 15.09 9.73
N ASP A 118 7.68 14.77 8.75
CA ASP A 118 7.52 15.46 7.47
C ASP A 118 6.33 14.88 6.74
N ALA A 119 5.62 15.64 5.96
CA ALA A 119 4.42 15.11 5.29
C ALA A 119 4.76 13.94 4.41
N GLU A 120 5.85 13.95 3.66
CA GLU A 120 6.14 12.88 2.68
C GLU A 120 6.33 11.58 3.45
N SER A 121 6.99 11.58 4.58
CA SER A 121 7.16 10.31 5.32
CA SER A 121 7.18 10.33 5.36
C SER A 121 5.85 9.93 6.00
N ARG A 122 5.22 10.85 6.71
CA ARG A 122 4.03 10.50 7.48
C ARG A 122 2.91 10.01 6.59
N VAL A 123 2.64 10.69 5.49
CA VAL A 123 1.58 10.27 4.53
C VAL A 123 1.94 8.91 3.94
N PHE A 124 3.19 8.71 3.56
CA PHE A 124 3.57 7.40 2.98
C PHE A 124 3.29 6.27 3.98
N TYR A 125 3.66 6.45 5.25
CA TYR A 125 3.47 5.41 6.26
C TYR A 125 2.02 5.22 6.61
N LEU A 126 1.22 6.28 6.70
CA LEU A 126 -0.20 6.12 7.00
C LEU A 126 -0.93 5.46 5.82
N LYS A 127 -0.53 5.77 4.60
CA LYS A 127 -1.03 5.08 3.39
C LYS A 127 -0.70 3.61 3.53
N MET A 128 0.54 3.26 3.86
CA MET A 128 0.93 1.84 4.05
CA MET A 128 0.93 1.85 4.04
C MET A 128 0.08 1.20 5.12
N LYS A 129 -0.19 1.90 6.22
CA LYS A 129 -1.05 1.36 7.29
C LYS A 129 -2.42 1.03 6.72
N GLY A 130 -3.00 1.99 6.00
CA GLY A 130 -4.29 1.73 5.32
C GLY A 130 -4.20 0.52 4.40
N ASP A 131 -3.18 0.45 3.59
CA ASP A 131 -3.04 -0.64 2.62
C ASP A 131 -2.97 -2.00 3.28
N TYR A 132 -2.22 -2.14 4.36
CA TYR A 132 -2.03 -3.49 5.00
C TYR A 132 -3.27 -3.82 5.80
N TYR A 133 -3.97 -2.85 6.39
CA TYR A 133 -5.32 -3.19 6.95
C TYR A 133 -6.27 -3.57 5.81
N ARG A 134 -6.18 -2.95 4.64
CA ARG A 134 -7.02 -3.31 3.50
C ARG A 134 -6.73 -4.74 3.08
N TYR A 135 -5.46 -5.16 3.01
CA TYR A 135 -5.15 -6.57 2.65
C TYR A 135 -5.70 -7.49 3.76
N LEU A 136 -5.65 -7.10 5.02
CA LEU A 136 -6.29 -7.93 6.07
C LEU A 136 -7.79 -8.00 5.79
N ALA A 137 -8.41 -6.89 5.39
CA ALA A 137 -9.88 -6.84 5.20
C ALA A 137 -10.23 -7.75 4.06
N GLU A 138 -9.42 -7.93 3.05
CA GLU A 138 -9.74 -8.77 1.87
C GLU A 138 -10.01 -10.20 2.34
N VAL A 139 -9.41 -10.65 3.44
CA VAL A 139 -9.55 -12.08 3.82
C VAL A 139 -10.33 -12.18 5.10
N ALA A 140 -10.84 -11.11 5.64
CA ALA A 140 -11.54 -11.08 6.94
C ALA A 140 -13.02 -11.42 6.73
N THR A 141 -13.62 -12.00 7.76
CA THR A 141 -15.10 -12.18 7.74
C THR A 141 -15.79 -11.48 8.92
N GLY A 142 -17.09 -11.17 8.77
CA GLY A 142 -18.00 -10.82 9.88
C GLY A 142 -17.56 -9.60 10.66
N ASP A 143 -17.59 -9.68 12.00
CA ASP A 143 -17.32 -8.53 12.89
C ASP A 143 -15.82 -8.20 12.89
N ASP A 144 -14.94 -9.22 12.77
CA ASP A 144 -13.49 -8.96 12.59
C ASP A 144 -13.31 -8.01 11.40
N LYS A 145 -14.03 -8.27 10.32
CA LYS A 145 -13.92 -7.48 9.10
C LYS A 145 -14.34 -6.06 9.45
N LYS A 146 -15.42 -5.82 10.21
CA LYS A 146 -15.88 -4.44 10.48
CA LYS A 146 -15.94 -4.45 10.54
C LYS A 146 -14.77 -3.65 11.17
N ARG A 147 -14.07 -4.21 12.14
CA ARG A 147 -13.07 -3.43 12.89
C ARG A 147 -11.85 -3.18 11.96
N ILE A 148 -11.45 -4.18 11.22
CA ILE A 148 -10.30 -4.05 10.29
C ILE A 148 -10.63 -3.00 9.22
N ILE A 149 -11.85 -2.98 8.71
CA ILE A 149 -12.26 -1.97 7.72
C ILE A 149 -12.17 -0.60 8.35
N ASP A 150 -12.59 -0.43 9.58
CA ASP A 150 -12.53 0.84 10.31
CA ASP A 150 -12.53 0.90 10.18
C ASP A 150 -11.08 1.30 10.46
N SER A 151 -10.20 0.36 10.78
CA SER A 151 -8.78 0.68 10.93
C SER A 151 -8.15 1.16 9.61
N ALA A 152 -8.48 0.51 8.53
CA ALA A 152 -7.98 0.94 7.21
C ALA A 152 -8.50 2.37 6.95
N ARG A 153 -9.79 2.54 7.11
CA ARG A 153 -10.46 3.81 6.78
C ARG A 153 -9.83 4.93 7.58
N SER A 154 -9.57 4.70 8.86
CA SER A 154 -9.02 5.73 9.76
C SER A 154 -7.62 6.14 9.31
N ALA A 155 -6.79 5.17 8.95
CA ALA A 155 -5.42 5.47 8.50
C ALA A 155 -5.47 6.26 7.19
N TYR A 156 -6.25 5.80 6.24
CA TYR A 156 -6.37 6.52 4.95
C TYR A 156 -6.87 7.92 5.20
N GLN A 157 -7.86 8.09 6.07
CA GLN A 157 -8.45 9.45 6.26
C GLN A 157 -7.43 10.36 6.89
N GLU A 158 -6.67 9.91 7.89
CA GLU A 158 -5.62 10.74 8.50
C GLU A 158 -4.61 11.13 7.42
N ALA A 159 -4.19 10.18 6.58
CA ALA A 159 -3.24 10.48 5.50
C ALA A 159 -3.82 11.51 4.54
N MET A 160 -5.07 11.35 4.19
CA MET A 160 -5.74 12.27 3.22
CA MET A 160 -5.78 12.25 3.24
C MET A 160 -5.75 13.68 3.81
N ASP A 161 -6.08 13.78 5.08
CA ASP A 161 -6.20 15.13 5.66
C ASP A 161 -4.82 15.80 5.60
N ILE A 162 -3.75 15.10 5.93
CA ILE A 162 -2.39 15.70 5.91
C ILE A 162 -2.03 16.01 4.46
N SER A 163 -2.28 15.11 3.53
CA SER A 163 -1.89 15.29 2.12
C SER A 163 -2.58 16.50 1.53
N LYS A 164 -3.81 16.76 1.88
CA LYS A 164 -4.52 17.90 1.25
C LYS A 164 -3.98 19.20 1.84
N LYS A 165 -3.50 19.23 3.07
CA LYS A 165 -2.95 20.44 3.73
CA LYS A 165 -2.97 20.46 3.72
C LYS A 165 -1.53 20.71 3.27
N GLU A 166 -0.74 19.66 3.03
CA GLU A 166 0.73 19.78 2.95
C GLU A 166 1.32 19.50 1.58
N MET A 167 0.59 18.94 0.62
CA MET A 167 1.10 18.53 -0.68
C MET A 167 0.28 19.10 -1.80
N PRO A 168 0.90 19.42 -2.94
CA PRO A 168 0.14 19.83 -4.10
C PRO A 168 -0.64 18.67 -4.67
N PRO A 169 -1.68 18.97 -5.45
CA PRO A 169 -2.54 17.90 -5.94
C PRO A 169 -1.90 16.93 -6.93
N THR A 170 -0.75 17.27 -7.51
CA THR A 170 0.05 16.36 -8.37
C THR A 170 1.07 15.52 -7.59
N ASN A 171 1.22 15.77 -6.30
CA ASN A 171 2.27 15.06 -5.58
C ASN A 171 2.02 13.55 -5.70
N PRO A 172 2.96 12.73 -6.11
CA PRO A 172 2.73 11.31 -6.35
C PRO A 172 2.24 10.53 -5.13
N ILE A 173 2.72 10.92 -3.95
CA ILE A 173 2.30 10.25 -2.70
C ILE A 173 0.82 10.59 -2.48
N ARG A 174 0.45 11.86 -2.57
CA ARG A 174 -0.96 12.26 -2.45
C ARG A 174 -1.79 11.53 -3.49
N LEU A 175 -1.32 11.40 -4.73
CA LEU A 175 -2.09 10.69 -5.77
C LEU A 175 -2.23 9.21 -5.43
N GLY A 176 -1.13 8.59 -5.06
CA GLY A 176 -1.18 7.14 -4.77
C GLY A 176 -2.07 6.81 -3.56
N LEU A 177 -2.05 7.69 -2.58
CA LEU A 177 -2.96 7.58 -1.42
C LEU A 177 -4.40 7.65 -1.88
N ALA A 178 -4.74 8.66 -2.65
CA ALA A 178 -6.12 8.86 -3.09
C ALA A 178 -6.55 7.65 -3.93
N LEU A 179 -5.64 7.19 -4.79
CA LEU A 179 -5.90 6.02 -5.67
C LEU A 179 -6.14 4.78 -4.80
N ASN A 180 -5.45 4.59 -3.71
CA ASN A 180 -5.67 3.37 -2.88
C ASN A 180 -6.92 3.56 -2.00
N PHE A 181 -7.18 4.79 -1.54
CA PHE A 181 -8.39 5.06 -0.71
C PHE A 181 -9.62 4.79 -1.61
N SER A 182 -9.55 5.20 -2.87
CA SER A 182 -10.68 4.93 -3.81
C SER A 182 -10.84 3.41 -3.98
N VAL A 183 -9.72 2.65 -4.10
CA VAL A 183 -9.84 1.16 -4.18
C VAL A 183 -10.58 0.67 -2.92
N PHE A 184 -10.12 1.10 -1.75
CA PHE A 184 -10.75 0.72 -0.47
C PHE A 184 -12.27 0.94 -0.59
N HIS A 185 -12.68 2.15 -1.02
CA HIS A 185 -14.11 2.44 -1.07
C HIS A 185 -14.83 1.47 -2.00
N TYR A 186 -14.28 1.20 -3.15
CA TYR A 186 -14.95 0.37 -4.17
C TYR A 186 -14.97 -1.09 -3.77
N GLU A 187 -13.84 -1.62 -3.34
CA GLU A 187 -13.61 -3.08 -3.21
C GLU A 187 -13.90 -3.56 -1.79
N ILE A 188 -13.71 -2.75 -0.76
CA ILE A 188 -13.78 -3.18 0.66
C ILE A 188 -15.04 -2.63 1.29
N ALA A 189 -15.30 -1.33 1.16
CA ALA A 189 -16.32 -0.61 1.95
C ALA A 189 -17.66 -0.65 1.22
N ASN A 190 -17.82 -1.24 0.08
CA ASN A 190 -19.13 -1.27 -0.64
C ASN A 190 -19.61 0.13 -0.88
N SER A 191 -18.71 1.05 -1.23
CA SER A 191 -19.04 2.47 -1.50
C SER A 191 -18.57 2.88 -2.86
N PRO A 192 -19.09 2.29 -3.95
CA PRO A 192 -18.58 2.58 -5.28
C PRO A 192 -18.75 4.05 -5.66
N GLU A 193 -19.81 4.68 -5.22
CA GLU A 193 -20.00 6.12 -5.54
C GLU A 193 -18.90 6.96 -4.89
N GLU A 194 -18.51 6.68 -3.65
CA GLU A 194 -17.44 7.45 -2.99
C GLU A 194 -16.13 7.20 -3.77
N ALA A 195 -15.90 5.98 -4.17
CA ALA A 195 -14.70 5.58 -4.94
C ALA A 195 -14.62 6.40 -6.22
N ILE A 196 -15.71 6.45 -6.96
CA ILE A 196 -15.76 7.18 -8.27
C ILE A 196 -15.58 8.67 -8.01
N SER A 197 -16.24 9.22 -7.04
CA SER A 197 -16.14 10.66 -6.76
CA SER A 197 -16.14 10.67 -6.76
C SER A 197 -14.70 11.00 -6.41
N LEU A 198 -14.07 10.23 -5.53
CA LEU A 198 -12.68 10.53 -5.10
C LEU A 198 -11.75 10.39 -6.30
N ALA A 199 -11.92 9.38 -7.11
CA ALA A 199 -11.01 9.21 -8.27
C ALA A 199 -11.16 10.40 -9.23
N LYS A 200 -12.39 10.81 -9.49
CA LYS A 200 -12.67 11.93 -10.43
CA LYS A 200 -12.60 11.90 -10.47
C LYS A 200 -12.09 13.24 -9.90
N THR A 201 -12.39 13.59 -8.67
CA THR A 201 -11.89 14.83 -8.08
C THR A 201 -10.36 14.80 -8.04
N THR A 202 -9.76 13.69 -7.67
CA THR A 202 -8.29 13.62 -7.57
C THR A 202 -7.70 13.83 -8.95
N PHE A 203 -8.24 13.17 -9.94
CA PHE A 203 -7.75 13.26 -11.32
C PHE A 203 -7.83 14.74 -11.76
N ASP A 204 -8.98 15.35 -11.64
CA ASP A 204 -9.23 16.69 -12.19
C ASP A 204 -8.35 17.69 -11.47
N GLU A 205 -8.13 17.59 -10.18
CA GLU A 205 -7.33 18.58 -9.44
C GLU A 205 -5.87 18.40 -9.85
N ALA A 206 -5.42 17.18 -10.07
CA ALA A 206 -4.06 16.93 -10.56
C ALA A 206 -3.91 17.51 -11.95
N MET A 207 -4.84 17.26 -12.85
CA MET A 207 -4.71 17.74 -14.25
CA MET A 207 -4.79 17.77 -14.25
C MET A 207 -4.50 19.27 -14.23
N ALA A 208 -5.15 20.01 -13.37
CA ALA A 208 -5.06 21.48 -13.30
C ALA A 208 -3.77 21.98 -12.70
N ASP A 209 -2.96 21.10 -12.12
CA ASP A 209 -1.69 21.50 -11.51
C ASP A 209 -0.52 20.93 -12.35
N LEU A 210 -0.75 20.18 -13.41
CA LEU A 210 0.37 19.58 -14.21
C LEU A 210 1.26 20.71 -14.79
N HIS A 211 0.70 21.88 -15.05
CA HIS A 211 1.43 22.99 -15.74
C HIS A 211 2.60 23.41 -14.89
N THR A 212 2.61 23.11 -13.59
CA THR A 212 3.68 23.56 -12.65
C THR A 212 4.89 22.63 -12.72
N LEU A 213 4.80 21.49 -13.39
CA LEU A 213 5.79 20.41 -13.26
C LEU A 213 6.81 20.42 -14.38
N SER A 214 7.99 19.94 -14.04
CA SER A 214 9.04 19.57 -14.99
C SER A 214 8.63 18.36 -15.81
N GLU A 215 9.34 18.06 -16.88
CA GLU A 215 9.08 16.88 -17.70
C GLU A 215 9.10 15.63 -16.80
N ASP A 216 10.11 15.49 -15.94
CA ASP A 216 10.25 14.22 -15.17
C ASP A 216 9.13 14.12 -14.11
N SER A 217 8.82 15.23 -13.44
CA SER A 217 7.74 15.26 -12.41
C SER A 217 6.40 14.97 -13.09
N TYR A 218 6.19 15.52 -14.29
CA TYR A 218 4.97 15.32 -15.06
C TYR A 218 4.79 13.83 -15.31
N LYS A 219 5.88 13.14 -15.66
CA LYS A 219 5.77 11.69 -15.93
CA LYS A 219 5.83 11.68 -15.92
C LYS A 219 5.38 10.95 -14.65
N ASP A 220 5.98 11.31 -13.52
CA ASP A 220 5.65 10.65 -12.21
C ASP A 220 4.13 10.82 -11.95
N SER A 221 3.64 12.03 -12.06
CA SER A 221 2.24 12.32 -11.69
C SER A 221 1.30 11.68 -12.68
N THR A 222 1.54 11.79 -13.99
CA THR A 222 0.60 11.25 -15.01
C THR A 222 0.52 9.73 -14.94
N LEU A 223 1.62 9.06 -14.55
CA LEU A 223 1.54 7.58 -14.42
C LEU A 223 0.47 7.22 -13.37
N ILE A 224 0.41 7.91 -12.25
CA ILE A 224 -0.59 7.55 -11.20
C ILE A 224 -1.96 8.00 -11.69
N MET A 225 -2.05 9.18 -12.33
CA MET A 225 -3.34 9.64 -12.86
C MET A 225 -3.95 8.62 -13.83
N GLN A 226 -3.12 7.97 -14.63
CA GLN A 226 -3.64 6.97 -15.58
C GLN A 226 -4.29 5.79 -14.85
N LEU A 227 -3.79 5.43 -13.68
CA LEU A 227 -4.43 4.37 -12.86
C LEU A 227 -5.81 4.83 -12.37
N LEU A 228 -5.93 6.07 -11.94
CA LEU A 228 -7.22 6.61 -11.59
C LEU A 228 -8.19 6.49 -12.77
N ARG A 229 -7.73 6.87 -13.96
CA ARG A 229 -8.59 6.80 -15.17
C ARG A 229 -8.91 5.35 -15.48
N ASP A 230 -7.96 4.45 -15.37
CA ASP A 230 -8.23 3.03 -15.70
C ASP A 230 -9.30 2.52 -14.76
N ASN A 231 -9.25 2.88 -13.46
CA ASN A 231 -10.31 2.45 -12.52
C ASN A 231 -11.64 3.11 -12.90
N LEU A 232 -11.65 4.39 -13.20
CA LEU A 232 -12.95 5.01 -13.56
C LEU A 232 -13.53 4.29 -14.79
N THR A 233 -12.71 3.84 -15.71
CA THR A 233 -13.21 3.09 -16.92
C THR A 233 -13.79 1.74 -16.47
N LEU A 234 -13.17 1.05 -15.51
CA LEU A 234 -13.70 -0.23 -14.99
C LEU A 234 -15.00 -0.02 -14.25
N TRP A 235 -15.13 1.08 -13.51
CA TRP A 235 -16.20 1.29 -12.48
C TRP A 235 -17.46 1.90 -13.10
N THR A 236 -17.31 2.54 -14.26
CA THR A 236 -18.39 3.33 -14.92
C THR A 236 -18.62 2.80 -16.34
N ARG B 1 -9.42 -6.74 -9.13
CA ARG B 1 -9.77 -6.20 -10.46
C ARG B 1 -9.41 -4.69 -10.52
N SER B 2 -9.74 -3.91 -9.50
CA SER B 2 -9.30 -2.48 -9.42
C SER B 2 -7.77 -2.38 -9.35
N HIS B 3 -7.18 -1.36 -9.93
CA HIS B 3 -5.74 -1.07 -9.86
C HIS B 3 -5.42 -0.24 -8.64
N SEP B 4 -4.46 -0.69 -7.83
CA SEP B 4 -3.93 0.10 -6.76
CB SEP B 4 -3.93 -0.69 -5.47
OG SEP B 4 -3.10 -1.85 -5.65
C SEP B 4 -2.54 0.66 -7.14
O SEP B 4 -2.02 0.39 -8.22
P SEP B 4 -3.07 -2.89 -4.42
O1P SEP B 4 -4.48 -3.39 -4.22
O2P SEP B 4 -2.15 -4.00 -4.89
O3P SEP B 4 -2.58 -2.17 -3.20
N SER B 5 -1.97 1.47 -6.26
N SER B 5 -1.96 1.47 -6.25
N SER B 5 -1.95 1.46 -6.27
CA SER B 5 -0.72 2.14 -6.53
CA SER B 5 -0.70 2.14 -6.57
CA SER B 5 -0.68 2.11 -6.58
C SER B 5 0.40 1.12 -6.75
C SER B 5 0.41 1.12 -6.74
C SER B 5 0.44 1.11 -6.72
N PRO B 6 1.46 1.45 -7.52
CA PRO B 6 2.70 0.69 -7.43
C PRO B 6 3.29 0.94 -6.04
N ALA B 7 4.27 0.09 -5.65
CA ALA B 7 4.95 0.27 -4.35
C ALA B 7 5.79 1.54 -4.29
N SER B 8 6.43 1.90 -5.40
CA SER B 8 7.19 3.16 -5.53
C SER B 8 6.31 4.15 -6.31
N LEU B 9 6.09 5.35 -5.77
CA LEU B 9 5.14 6.32 -6.34
C LEU B 9 5.83 7.29 -7.31
N GLN B 10 7.17 7.37 -7.28
CA GLN B 10 7.89 8.33 -8.15
C GLN B 10 9.34 7.93 -8.17
N LEU B 11 10.09 8.42 -9.15
CA LEU B 11 11.47 7.93 -9.34
C LEU B 11 12.44 8.45 -8.27
N GLY B 12 12.24 9.63 -7.76
CA GLY B 12 13.23 10.24 -6.85
C GLY B 12 12.64 10.78 -5.57
N THR B 13 13.38 11.68 -4.93
CA THR B 13 13.06 12.27 -3.62
C THR B 13 11.93 13.31 -3.68
MG MG C . -21.31 -36.74 -7.77
MG MG D . 26.41 -0.11 12.70
CL CL E . -2.22 -27.09 4.84
CL CL F . -4.40 4.82 12.26
C1 K48 G . 13.73 0.84 -5.84
C2 K48 G . 13.53 2.27 -5.77
C3 K48 G . 14.39 3.24 -5.32
C4 K48 G . 13.91 4.55 -5.48
C5 K48 G . 14.67 5.77 -5.14
C6 K48 G . 16.03 5.83 -5.46
C7 K48 G . 16.79 6.93 -5.08
N1 K48 G . 14.85 0.30 -5.50
N2 K48 G . 12.75 0.00 -6.30
N3 K48 G . 11.89 5.70 -6.29
C8 K48 G . 16.20 8.01 -4.48
C9 K48 G . 14.85 8.00 -4.21
C10 K48 G . 14.10 6.87 -4.51
C11 K48 G . 12.67 4.55 -6.04
S1 K48 G . 12.05 2.97 -6.33
MG MG H . 5.09 7.58 -10.55
#